data_3K31
#
_entry.id   3K31
#
_cell.length_a   80.780
_cell.length_b   89.730
_cell.length_c   79.110
_cell.angle_alpha   90.00
_cell.angle_beta   90.00
_cell.angle_gamma   90.00
#
_symmetry.space_group_name_H-M   'P 21 21 2'
#
loop_
_entity.id
_entity.type
_entity.pdbx_description
1 polymer 'Enoyl-(Acyl-carrier-protein) reductase'
2 non-polymer NICOTINAMIDE-ADENINE-DINUCLEOTIDE
3 non-polymer 1,2-ETHANEDIOL
4 non-polymer GLYCEROL
5 water water
#
_entity_poly.entity_id   1
_entity_poly.type   'polypeptide(L)'
_entity_poly.pdbx_seq_one_letter_code
;MAHHHHHHMGTLEAQTQGPGSMRTGMLMEGKKGVIIGVANDKSLAWGIAKAVCAQGAEVALTYLSETFKKRVDPLAESLG
VKLTVPCDVSDAESVDNMFKVLAEEWGSLDFVVHAVAFSDKNELKGRYVDTSLGNFLTSMHISCYSFTYIASKAEPLMTN
GGSILTLSYYGAEKVVPHYNVMGVCKAALEASVKYLAVDLGKQQIRVNAISAGPVRTLASSGISDFHYILTWNKYNSPLR
RNTTLDDVGGAALYLLSDLGRGTTGETVHVDCGYHVVGMKSVDAPDISRVKGDHSV
;
_entity_poly.pdbx_strand_id   A,B
#
# COMPACT_ATOMS: atom_id res chain seq x y z
N SER A 21 28.96 14.77 18.17
CA SER A 21 28.64 15.89 19.11
C SER A 21 29.04 17.26 18.56
N MET A 22 30.11 17.32 17.75
CA MET A 22 30.56 18.57 17.12
C MET A 22 29.64 19.02 15.97
N ARG A 23 29.14 20.25 16.07
CA ARG A 23 28.32 20.85 15.01
CA ARG A 23 28.32 20.90 15.04
C ARG A 23 29.25 21.34 13.90
N THR A 24 28.88 21.04 12.66
CA THR A 24 29.73 21.31 11.50
C THR A 24 29.18 22.29 10.47
N GLY A 25 27.94 22.74 10.61
CA GLY A 25 27.33 23.64 9.64
C GLY A 25 26.09 24.30 10.20
N MET A 26 25.41 25.11 9.39
CA MET A 26 24.26 25.89 9.83
C MET A 26 22.99 25.72 8.98
N LEU A 27 22.92 24.62 8.24
CA LEU A 27 21.80 24.40 7.34
C LEU A 27 20.44 24.31 8.08
N MET A 28 20.42 23.82 9.33
CA MET A 28 19.19 23.66 10.10
C MET A 28 19.08 24.64 11.25
N GLU A 29 19.89 25.70 11.21
CA GLU A 29 19.86 26.72 12.27
C GLU A 29 18.46 27.27 12.41
N GLY A 30 17.94 27.28 13.64
CA GLY A 30 16.63 27.87 13.95
C GLY A 30 15.45 26.94 13.68
N LYS A 31 15.74 25.71 13.24
CA LYS A 31 14.70 24.74 13.00
C LYS A 31 14.56 23.80 14.17
N LYS A 32 13.32 23.56 14.57
CA LYS A 32 12.99 22.69 15.67
C LYS A 32 12.20 21.52 15.17
N GLY A 33 12.52 20.33 15.63
CA GLY A 33 11.76 19.18 15.18
C GLY A 33 11.88 17.97 16.07
N VAL A 34 11.01 16.99 15.82
CA VAL A 34 10.95 15.78 16.60
C VAL A 34 11.34 14.59 15.71
N ILE A 35 12.19 13.72 16.26
CA ILE A 35 12.59 12.49 15.59
C ILE A 35 12.07 11.32 16.42
N ILE A 36 11.24 10.49 15.77
CA ILE A 36 10.56 9.36 16.40
C ILE A 36 11.20 8.08 15.90
N GLY A 37 11.83 7.31 16.80
CA GLY A 37 12.46 6.05 16.42
C GLY A 37 13.94 5.83 16.70
N VAL A 38 14.59 6.70 17.47
CA VAL A 38 16.01 6.52 17.81
C VAL A 38 16.16 5.67 19.05
N ALA A 39 16.57 4.41 18.91
CA ALA A 39 16.75 3.53 20.10
C ALA A 39 18.20 3.11 20.35
N ASN A 40 19.08 3.39 19.38
CA ASN A 40 20.49 3.05 19.50
C ASN A 40 21.26 3.87 18.50
N ASP A 41 22.58 3.75 18.48
CA ASP A 41 23.40 4.57 17.58
C ASP A 41 23.74 3.90 16.26
N LYS A 42 22.97 2.89 15.86
CA LYS A 42 23.25 2.17 14.65
C LYS A 42 22.17 2.34 13.60
N SER A 43 21.06 3.00 13.96
CA SER A 43 19.86 3.06 13.15
C SER A 43 19.81 4.23 12.18
N LEU A 44 18.95 4.11 11.19
CA LEU A 44 18.70 5.24 10.28
C LEU A 44 18.25 6.51 11.00
N ALA A 45 17.36 6.35 11.99
CA ALA A 45 16.89 7.50 12.74
C ALA A 45 18.05 8.21 13.46
N TRP A 46 19.01 7.45 13.98
CA TRP A 46 20.22 8.03 14.56
C TRP A 46 21.05 8.79 13.55
N GLY A 47 21.21 8.20 12.36
CA GLY A 47 21.93 8.88 11.28
C GLY A 47 21.31 10.23 10.94
N ILE A 48 19.99 10.27 10.91
CA ILE A 48 19.25 11.51 10.64
C ILE A 48 19.45 12.52 11.76
N ALA A 49 19.32 12.05 13.00
CA ALA A 49 19.48 12.92 14.17
C ALA A 49 20.86 13.55 14.21
N LYS A 50 21.88 12.72 14.01
CA LYS A 50 23.24 13.19 13.95
C LYS A 50 23.45 14.22 12.89
N ALA A 51 22.88 13.99 11.70
CA ALA A 51 23.03 14.96 10.59
C ALA A 51 22.36 16.33 10.85
N VAL A 52 21.10 16.32 11.31
CA VAL A 52 20.38 17.57 11.58
C VAL A 52 20.95 18.30 12.81
N CYS A 53 21.35 17.58 13.84
CA CYS A 53 21.96 18.23 15.02
C CYS A 53 23.30 18.87 14.65
N ALA A 54 24.08 18.20 13.82
CA ALA A 54 25.37 18.74 13.38
C ALA A 54 25.21 20.00 12.53
N GLN A 55 24.02 20.23 11.97
CA GLN A 55 23.72 21.43 11.19
C GLN A 55 22.91 22.47 11.96
N GLY A 56 22.85 22.32 13.28
CA GLY A 56 22.23 23.32 14.14
C GLY A 56 20.78 23.19 14.52
N ALA A 57 20.13 22.07 14.15
CA ALA A 57 18.75 21.86 14.55
C ALA A 57 18.60 21.70 16.05
N GLU A 58 17.44 22.11 16.54
CA GLU A 58 17.02 21.83 17.88
C GLU A 58 16.07 20.65 17.82
N VAL A 59 16.44 19.54 18.45
CA VAL A 59 15.76 18.26 18.25
C VAL A 59 15.19 17.77 19.55
N ALA A 60 14.02 17.16 19.47
CA ALA A 60 13.42 16.39 20.54
C ALA A 60 13.47 14.94 20.08
N LEU A 61 13.90 14.03 20.94
CA LEU A 61 13.90 12.62 20.65
C LEU A 61 12.83 11.94 21.50
N THR A 62 12.08 11.03 20.90
CA THR A 62 11.10 10.26 21.64
C THR A 62 11.73 8.94 22.11
N TYR A 63 11.11 8.32 23.10
CA TYR A 63 11.44 6.95 23.50
C TYR A 63 10.12 6.23 23.80
N LEU A 64 10.12 4.90 23.69
CA LEU A 64 8.88 4.14 23.61
C LEU A 64 8.12 4.16 24.93
N SER A 65 8.82 4.00 26.05
CA SER A 65 8.20 4.00 27.38
C SER A 65 9.24 4.23 28.49
N GLU A 66 8.77 4.45 29.73
CA GLU A 66 9.66 4.75 30.87
C GLU A 66 10.83 3.76 31.00
N THR A 67 10.58 2.49 30.65
CA THR A 67 11.59 1.42 30.56
C THR A 67 12.82 1.75 29.70
N PHE A 68 12.61 2.53 28.64
CA PHE A 68 13.64 2.76 27.63
C PHE A 68 14.28 4.16 27.71
N LYS A 69 13.89 4.95 28.70
CA LYS A 69 14.48 6.28 28.88
C LYS A 69 15.97 6.19 29.16
N LYS A 70 16.37 5.18 29.94
CA LYS A 70 17.80 4.90 30.20
C LYS A 70 18.61 4.73 28.91
N ARG A 71 18.05 4.06 27.92
CA ARG A 71 18.75 3.85 26.64
C ARG A 71 18.92 5.14 25.80
N VAL A 72 17.93 6.03 25.84
CA VAL A 72 17.96 7.24 24.99
C VAL A 72 18.73 8.40 25.63
N ASP A 73 18.80 8.43 26.96
CA ASP A 73 19.52 9.47 27.69
C ASP A 73 20.94 9.72 27.15
N PRO A 74 21.79 8.68 27.09
CA PRO A 74 23.13 8.93 26.58
C PRO A 74 23.19 9.30 25.07
N LEU A 75 22.29 8.78 24.26
CA LEU A 75 22.23 9.16 22.84
C LEU A 75 21.93 10.64 22.72
N ALA A 76 20.93 11.10 23.46
CA ALA A 76 20.51 12.49 23.47
C ALA A 76 21.63 13.42 23.97
N GLU A 77 22.29 13.02 25.04
CA GLU A 77 23.38 13.81 25.61
C GLU A 77 24.48 14.01 24.57
N SER A 78 24.80 12.96 23.83
CA SER A 78 25.89 13.07 22.89
C SER A 78 25.52 13.93 21.69
N LEU A 79 24.23 13.98 21.35
CA LEU A 79 23.72 14.86 20.27
C LEU A 79 23.53 16.30 20.70
N GLY A 80 23.53 16.55 22.02
CA GLY A 80 23.21 17.88 22.54
C GLY A 80 21.71 18.10 22.69
N VAL A 81 20.92 17.04 22.58
CA VAL A 81 19.46 17.11 22.71
C VAL A 81 19.07 17.27 24.17
N LYS A 82 18.23 18.25 24.44
CA LYS A 82 17.83 18.59 25.79
C LYS A 82 16.39 18.15 26.11
N LEU A 83 15.61 17.77 25.09
CA LEU A 83 14.20 17.38 25.28
C LEU A 83 13.97 15.96 24.79
N THR A 84 13.60 15.08 25.70
CA THR A 84 13.17 13.74 25.33
C THR A 84 11.78 13.54 25.88
N VAL A 85 10.97 12.77 25.14
CA VAL A 85 9.56 12.62 25.43
C VAL A 85 9.05 11.20 25.11
N PRO A 86 8.21 10.62 25.98
CA PRO A 86 7.68 9.30 25.61
C PRO A 86 6.75 9.36 24.42
N CYS A 87 6.77 8.32 23.60
CA CYS A 87 5.86 8.21 22.47
C CYS A 87 5.79 6.76 22.02
N ASP A 88 4.65 6.14 22.25
CA ASP A 88 4.33 4.83 21.70
C ASP A 88 3.25 5.08 20.65
N VAL A 89 3.60 4.88 19.38
CA VAL A 89 2.71 5.27 18.29
C VAL A 89 1.49 4.36 18.15
N SER A 90 1.39 3.28 18.92
CA SER A 90 0.17 2.48 18.95
C SER A 90 -0.87 3.04 19.92
N ASP A 91 -0.45 4.01 20.74
CA ASP A 91 -1.33 4.62 21.76
C ASP A 91 -1.58 6.08 21.41
N ALA A 92 -2.78 6.38 20.93
CA ALA A 92 -3.13 7.75 20.53
C ALA A 92 -2.92 8.73 21.66
N GLU A 93 -3.19 8.33 22.90
CA GLU A 93 -3.03 9.27 24.02
C GLU A 93 -1.55 9.64 24.19
N SER A 94 -0.68 8.67 23.99
CA SER A 94 0.78 8.89 24.10
C SER A 94 1.23 9.90 23.03
N VAL A 95 0.76 9.70 21.81
CA VAL A 95 1.10 10.59 20.70
C VAL A 95 0.53 11.98 21.00
N ASP A 96 -0.71 12.05 21.49
CA ASP A 96 -1.34 13.32 21.77
C ASP A 96 -0.56 14.05 22.86
N ASN A 97 -0.18 13.34 23.91
CA ASN A 97 0.64 13.93 24.96
C ASN A 97 1.98 14.44 24.43
N MET A 98 2.58 13.71 23.49
CA MET A 98 3.86 14.14 22.98
C MET A 98 3.74 15.49 22.27
N PHE A 99 2.70 15.65 21.46
CA PHE A 99 2.53 16.91 20.75
C PHE A 99 2.10 18.03 21.70
N LYS A 100 1.41 17.67 22.79
CA LYS A 100 1.11 18.64 23.84
C LYS A 100 2.39 19.19 24.47
N VAL A 101 3.34 18.31 24.75
CA VAL A 101 4.64 18.72 25.31
C VAL A 101 5.40 19.61 24.32
N LEU A 102 5.43 19.25 23.04
CA LEU A 102 6.16 20.09 22.06
C LEU A 102 5.51 21.45 21.90
N ALA A 103 4.19 21.49 21.90
CA ALA A 103 3.48 22.74 21.77
C ALA A 103 3.80 23.64 22.97
N GLU A 104 3.84 23.06 24.16
CA GLU A 104 4.18 23.81 25.39
C GLU A 104 5.62 24.32 25.38
N GLU A 105 6.55 23.47 24.99
CA GLU A 105 7.96 23.85 24.97
C GLU A 105 8.32 24.84 23.88
N TRP A 106 7.79 24.62 22.66
CA TRP A 106 8.25 25.34 21.50
C TRP A 106 7.23 26.23 20.82
N GLY A 107 5.95 25.90 20.92
CA GLY A 107 4.89 26.62 20.21
C GLY A 107 4.70 26.24 18.76
N SER A 108 5.78 25.88 18.07
CA SER A 108 5.67 25.52 16.66
C SER A 108 6.71 24.47 16.39
N LEU A 109 6.63 23.85 15.21
CA LEU A 109 7.48 22.77 14.82
C LEU A 109 7.87 23.03 13.38
N ASP A 110 9.13 22.76 13.06
CA ASP A 110 9.63 22.88 11.68
C ASP A 110 9.73 21.55 10.93
N PHE A 111 9.99 20.46 11.66
CA PHE A 111 10.08 19.15 11.04
C PHE A 111 9.66 18.03 11.95
N VAL A 112 9.27 16.92 11.33
CA VAL A 112 8.95 15.66 11.99
C VAL A 112 9.63 14.53 11.18
N VAL A 113 10.32 13.63 11.87
CA VAL A 113 10.88 12.45 11.26
C VAL A 113 10.23 11.22 11.90
N HIS A 114 9.61 10.38 11.07
CA HIS A 114 8.91 9.16 11.51
C HIS A 114 9.71 7.98 11.02
N ALA A 115 10.38 7.27 11.94
CA ALA A 115 11.24 6.14 11.61
C ALA A 115 10.81 4.95 12.44
N VAL A 116 9.60 4.48 12.23
CA VAL A 116 9.05 3.42 13.07
C VAL A 116 8.34 2.43 12.17
N ALA A 117 8.54 1.17 12.47
CA ALA A 117 7.90 0.12 11.71
C ALA A 117 7.86 -1.10 12.64
N PHE A 118 6.92 -1.98 12.37
CA PHE A 118 6.81 -3.16 13.14
C PHE A 118 6.08 -4.21 12.37
N SER A 119 6.57 -5.44 12.44
CA SER A 119 5.85 -6.60 11.93
C SER A 119 6.27 -7.81 12.74
N ASP A 120 5.51 -8.91 12.66
CA ASP A 120 5.83 -10.13 13.40
C ASP A 120 7.05 -10.81 12.78
N LYS A 121 8.14 -10.93 13.53
CA LYS A 121 9.41 -11.48 12.98
C LYS A 121 9.27 -12.90 12.48
N ASN A 122 8.42 -13.71 13.11
CA ASN A 122 8.25 -15.10 12.69
C ASN A 122 7.55 -15.24 11.35
N GLU A 123 6.65 -14.33 11.04
CA GLU A 123 5.97 -14.40 9.75
C GLU A 123 6.88 -13.97 8.59
N LEU A 124 7.90 -13.17 8.88
CA LEU A 124 8.86 -12.75 7.85
C LEU A 124 9.63 -13.91 7.24
N LYS A 125 9.82 -14.99 8.01
CA LYS A 125 10.60 -16.14 7.58
C LYS A 125 9.82 -17.00 6.57
N GLY A 126 8.50 -16.86 6.57
CA GLY A 126 7.63 -17.72 5.78
C GLY A 126 7.15 -17.04 4.50
N ARG A 127 6.02 -17.49 4.00
CA ARG A 127 5.49 -16.96 2.77
C ARG A 127 4.54 -15.82 3.01
N TYR A 128 4.55 -14.80 2.15
CA TYR A 128 3.59 -13.71 2.25
C TYR A 128 2.13 -14.22 2.28
N VAL A 129 1.82 -15.22 1.46
CA VAL A 129 0.45 -15.71 1.34
C VAL A 129 -0.08 -16.31 2.65
N ASP A 130 0.80 -16.65 3.58
CA ASP A 130 0.42 -17.19 4.91
C ASP A 130 0.31 -16.12 6.02
N THR A 131 0.36 -14.84 5.65
CA THR A 131 0.23 -13.74 6.60
C THR A 131 -1.09 -13.82 7.34
N SER A 132 -1.05 -13.68 8.66
CA SER A 132 -2.24 -13.72 9.48
C SER A 132 -2.93 -12.35 9.51
N LEU A 133 -4.23 -12.33 9.78
CA LEU A 133 -4.97 -11.06 9.92
C LEU A 133 -4.39 -10.16 11.00
N GLY A 134 -4.09 -10.73 12.17
CA GLY A 134 -3.57 -9.95 13.29
C GLY A 134 -2.26 -9.26 12.96
N ASN A 135 -1.36 -10.00 12.33
CA ASN A 135 -0.09 -9.42 11.89
C ASN A 135 -0.27 -8.32 10.83
N PHE A 136 -1.13 -8.57 9.87
CA PHE A 136 -1.46 -7.59 8.85
C PHE A 136 -1.98 -6.28 9.48
N LEU A 137 -2.95 -6.39 10.38
CA LEU A 137 -3.55 -5.20 10.98
C LEU A 137 -2.56 -4.45 11.87
N THR A 138 -1.80 -5.20 12.70
CA THR A 138 -0.83 -4.56 13.58
C THR A 138 0.28 -3.90 12.78
N SER A 139 0.79 -4.58 11.76
CA SER A 139 1.85 -4.02 10.92
CA SER A 139 1.86 -3.98 10.96
C SER A 139 1.36 -2.76 10.21
N MET A 140 0.16 -2.81 9.69
CA MET A 140 -0.43 -1.65 9.03
C MET A 140 -0.60 -0.47 9.97
N HIS A 141 -1.04 -0.72 11.20
CA HIS A 141 -1.30 0.33 12.16
C HIS A 141 0.00 1.03 12.50
N ILE A 142 1.02 0.28 12.86
CA ILE A 142 2.28 0.87 13.31
CA ILE A 142 2.27 0.87 13.32
C ILE A 142 3.12 1.41 12.16
N SER A 143 3.17 0.67 11.06
CA SER A 143 4.11 0.99 9.97
C SER A 143 3.54 1.97 8.96
N CYS A 144 2.23 2.09 8.85
CA CYS A 144 1.60 3.00 7.90
C CYS A 144 0.67 4.01 8.60
N TYR A 145 -0.36 3.56 9.30
CA TYR A 145 -1.35 4.54 9.83
C TYR A 145 -0.72 5.54 10.79
N SER A 146 0.21 5.10 11.61
CA SER A 146 0.80 6.02 12.57
C SER A 146 1.38 7.27 11.93
N PHE A 147 1.94 7.16 10.72
CA PHE A 147 2.47 8.34 10.04
C PHE A 147 1.35 9.35 9.73
N THR A 148 0.21 8.87 9.27
CA THR A 148 -0.94 9.72 8.96
C THR A 148 -1.44 10.42 10.24
N TYR A 149 -1.56 9.68 11.32
CA TYR A 149 -2.04 10.25 12.59
C TYR A 149 -1.07 11.32 13.11
N ILE A 150 0.21 11.02 13.04
CA ILE A 150 1.23 11.96 13.49
C ILE A 150 1.23 13.22 12.63
N ALA A 151 1.07 13.06 11.31
CA ALA A 151 0.94 14.20 10.43
C ALA A 151 -0.26 15.08 10.82
N SER A 152 -1.39 14.45 11.15
CA SER A 152 -2.58 15.20 11.58
C SER A 152 -2.33 15.99 12.86
N LYS A 153 -1.54 15.43 13.77
CA LYS A 153 -1.20 16.10 15.02
C LYS A 153 -0.19 17.21 14.84
N ALA A 154 0.75 17.03 13.91
CA ALA A 154 1.71 18.05 13.59
C ALA A 154 1.13 19.27 12.88
N GLU A 155 0.12 19.06 12.03
CA GLU A 155 -0.38 20.10 11.14
C GLU A 155 -0.62 21.46 11.88
N PRO A 156 -1.33 21.44 13.00
CA PRO A 156 -1.64 22.75 13.61
C PRO A 156 -0.41 23.46 14.22
N LEU A 157 0.67 22.72 14.45
CA LEU A 157 1.94 23.26 14.94
C LEU A 157 2.88 23.75 13.82
N MET A 158 2.53 23.48 12.57
CA MET A 158 3.33 23.84 11.41
C MET A 158 2.58 24.80 10.43
N THR A 159 1.81 25.72 10.97
CA THR A 159 1.05 26.70 10.18
C THR A 159 1.95 27.50 9.21
N ASN A 160 3.14 27.88 9.71
CA ASN A 160 4.23 28.50 8.92
C ASN A 160 5.06 27.60 7.97
N GLY A 161 4.61 26.36 7.75
CA GLY A 161 5.32 25.45 6.86
C GLY A 161 6.36 24.58 7.55
N GLY A 162 6.96 23.69 6.78
CA GLY A 162 7.97 22.80 7.28
C GLY A 162 7.97 21.51 6.49
N SER A 163 8.46 20.44 7.12
CA SER A 163 8.79 19.19 6.41
C SER A 163 8.59 17.98 7.27
N ILE A 164 7.81 17.02 6.76
CA ILE A 164 7.56 15.77 7.45
C ILE A 164 8.11 14.63 6.60
N LEU A 165 8.83 13.71 7.23
CA LEU A 165 9.64 12.73 6.52
C LEU A 165 9.40 11.35 7.12
N THR A 166 9.22 10.34 6.29
CA THR A 166 9.20 8.95 6.73
C THR A 166 10.24 8.15 5.96
N LEU A 167 10.37 6.88 6.34
CA LEU A 167 11.39 5.98 5.74
C LEU A 167 10.65 4.83 5.06
N SER A 168 11.11 4.47 3.87
CA SER A 168 10.61 3.32 3.16
C SER A 168 11.82 2.48 2.68
N TYR A 169 11.52 1.54 1.79
CA TYR A 169 12.46 0.55 1.30
C TYR A 169 11.91 -0.03 -0.01
N TYR A 170 12.83 -0.49 -0.86
CA TYR A 170 12.51 -0.94 -2.22
C TYR A 170 11.52 -2.10 -2.25
N GLY A 171 11.39 -2.85 -1.15
CA GLY A 171 10.35 -3.86 -1.03
C GLY A 171 8.91 -3.37 -1.18
N ALA A 172 8.71 -2.04 -1.09
CA ALA A 172 7.42 -1.40 -1.40
C ALA A 172 7.08 -1.47 -2.88
N GLU A 173 8.12 -1.52 -3.71
CA GLU A 173 8.00 -1.44 -5.17
C GLU A 173 8.18 -2.78 -5.91
N LYS A 174 9.08 -3.62 -5.38
CA LYS A 174 9.44 -4.88 -5.99
C LYS A 174 9.59 -5.94 -4.91
N VAL A 175 9.41 -7.19 -5.27
CA VAL A 175 9.51 -8.25 -4.29
C VAL A 175 10.96 -8.54 -3.89
N VAL A 176 11.22 -8.45 -2.60
CA VAL A 176 12.51 -8.76 -2.05
C VAL A 176 12.33 -9.77 -0.92
N PRO A 177 13.38 -10.54 -0.56
CA PRO A 177 13.22 -11.56 0.48
C PRO A 177 13.03 -11.04 1.90
N HIS A 178 12.36 -11.85 2.70
CA HIS A 178 12.28 -11.67 4.17
C HIS A 178 11.60 -10.33 4.52
N TYR A 179 10.59 -9.99 3.73
CA TYR A 179 9.93 -8.70 3.85
C TYR A 179 8.42 -8.86 3.91
N ASN A 180 7.87 -9.69 3.02
CA ASN A 180 6.45 -10.07 3.07
C ASN A 180 5.48 -8.91 3.37
N VAL A 181 4.73 -8.97 4.48
CA VAL A 181 3.70 -7.95 4.71
C VAL A 181 4.28 -6.54 4.85
N MET A 182 5.56 -6.42 5.24
CA MET A 182 6.17 -5.08 5.30
CA MET A 182 6.19 -5.09 5.28
C MET A 182 6.24 -4.41 3.91
N GLY A 183 6.33 -5.21 2.84
CA GLY A 183 6.32 -4.67 1.46
C GLY A 183 4.98 -3.99 1.19
N VAL A 184 3.92 -4.67 1.60
CA VAL A 184 2.55 -4.17 1.47
C VAL A 184 2.34 -2.94 2.33
N CYS A 185 2.83 -2.97 3.57
CA CYS A 185 2.75 -1.81 4.46
C CYS A 185 3.50 -0.62 3.92
N LYS A 186 4.71 -0.84 3.40
CA LYS A 186 5.47 0.25 2.82
C LYS A 186 4.88 0.83 1.51
N ALA A 187 4.26 -0.01 0.68
CA ALA A 187 3.58 0.48 -0.45
C ALA A 187 2.41 1.40 -0.04
N ALA A 188 1.69 1.01 1.01
CA ALA A 188 0.62 1.85 1.53
C ALA A 188 1.18 3.18 2.06
N LEU A 189 2.31 3.10 2.78
CA LEU A 189 2.98 4.28 3.31
C LEU A 189 3.35 5.23 2.16
N GLU A 190 3.97 4.72 1.09
CA GLU A 190 4.39 5.58 -0.03
C GLU A 190 3.17 6.25 -0.71
N ALA A 191 2.03 5.53 -0.83
CA ALA A 191 0.81 6.15 -1.29
C ALA A 191 0.29 7.22 -0.34
N SER A 192 0.34 6.94 0.96
CA SER A 192 -0.09 7.91 1.97
C SER A 192 0.71 9.23 1.92
N VAL A 193 1.99 9.12 1.63
CA VAL A 193 2.85 10.31 1.44
C VAL A 193 2.26 11.24 0.38
N LYS A 194 1.76 10.66 -0.71
CA LYS A 194 1.21 11.47 -1.81
C LYS A 194 -0.09 12.17 -1.38
N TYR A 195 -0.98 11.42 -0.78
CA TYR A 195 -2.24 11.98 -0.26
C TYR A 195 -2.01 13.05 0.81
N LEU A 196 -1.13 12.78 1.74
CA LEU A 196 -0.75 13.76 2.75
C LEU A 196 -0.14 15.03 2.18
N ALA A 197 0.71 14.88 1.15
CA ALA A 197 1.29 16.02 0.54
C ALA A 197 0.23 16.97 -0.02
N VAL A 198 -0.82 16.41 -0.61
CA VAL A 198 -1.91 17.23 -1.13
C VAL A 198 -2.65 17.96 0.04
N ASP A 199 -2.92 17.23 1.11
CA ASP A 199 -3.64 17.81 2.25
C ASP A 199 -2.86 18.92 2.94
N LEU A 200 -1.58 18.71 3.13
CA LEU A 200 -0.75 19.64 3.91
C LEU A 200 0.03 20.68 3.11
N GLY A 201 0.06 20.56 1.77
CA GLY A 201 0.84 21.46 0.95
C GLY A 201 0.35 22.92 0.86
N LYS A 202 -0.94 23.17 1.07
CA LYS A 202 -1.42 24.55 1.00
C LYS A 202 -0.69 25.40 2.08
N GLN A 203 -0.51 24.78 3.27
CA GLN A 203 0.28 25.38 4.39
C GLN A 203 1.80 25.32 4.19
N GLN A 204 2.27 24.90 3.02
CA GLN A 204 3.69 24.78 2.71
C GLN A 204 4.41 23.74 3.59
N ILE A 205 3.66 22.71 3.98
CA ILE A 205 4.26 21.56 4.67
C ILE A 205 4.54 20.48 3.61
N ARG A 206 5.80 20.15 3.43
CA ARG A 206 6.20 19.08 2.50
C ARG A 206 6.13 17.74 3.22
N VAL A 207 5.78 16.69 2.48
CA VAL A 207 5.69 15.32 3.00
C VAL A 207 6.43 14.43 2.01
N ASN A 208 7.43 13.73 2.52
CA ASN A 208 8.28 12.90 1.65
C ASN A 208 8.74 11.63 2.39
N ALA A 209 9.30 10.71 1.62
CA ALA A 209 9.94 9.50 2.14
C ALA A 209 11.34 9.33 1.56
N ILE A 210 12.20 8.68 2.33
CA ILE A 210 13.51 8.22 1.83
C ILE A 210 13.44 6.69 1.76
N SER A 211 13.66 6.14 0.57
CA SER A 211 13.72 4.70 0.39
C SER A 211 15.19 4.33 0.51
N ALA A 212 15.56 3.82 1.67
CA ALA A 212 16.96 3.58 2.03
C ALA A 212 17.36 2.16 1.67
N GLY A 213 18.59 2.00 1.21
CA GLY A 213 19.12 0.67 1.03
C GLY A 213 19.39 0.04 2.39
N PRO A 214 19.59 -1.29 2.42
CA PRO A 214 19.86 -1.91 3.71
C PRO A 214 21.18 -1.45 4.33
N VAL A 215 21.20 -1.37 5.65
CA VAL A 215 22.42 -1.00 6.37
C VAL A 215 22.67 -2.09 7.42
N ARG A 216 23.93 -2.38 7.72
CA ARG A 216 24.22 -3.31 8.84
C ARG A 216 24.01 -2.57 10.16
N THR A 217 23.03 -3.02 10.97
CA THR A 217 22.82 -2.50 12.34
C THR A 217 23.33 -3.45 13.45
N LEU A 218 23.47 -4.74 13.15
CA LEU A 218 24.00 -5.76 14.10
C LEU A 218 25.26 -6.43 13.53
N ALA A 219 26.21 -6.78 14.40
CA ALA A 219 27.45 -7.48 13.99
C ALA A 219 27.10 -8.84 13.36
N SER A 220 26.09 -9.49 13.93
CA SER A 220 25.42 -10.63 13.31
C SER A 220 23.95 -10.63 13.74
N SER A 221 23.03 -10.59 12.76
CA SER A 221 21.61 -10.74 13.06
C SER A 221 21.24 -12.23 13.22
N GLY A 222 22.12 -13.12 12.77
CA GLY A 222 21.86 -14.56 12.78
C GLY A 222 20.85 -15.02 11.72
N ILE A 223 20.49 -14.15 10.78
CA ILE A 223 19.49 -14.46 9.75
C ILE A 223 20.16 -14.50 8.40
N SER A 224 20.21 -15.67 7.78
CA SER A 224 20.94 -15.81 6.50
C SER A 224 20.35 -14.86 5.41
N ASP A 225 19.03 -14.68 5.41
CA ASP A 225 18.40 -13.81 4.39
C ASP A 225 18.90 -12.39 4.54
N PHE A 226 19.09 -11.91 5.77
CA PHE A 226 19.63 -10.55 5.93
C PHE A 226 21.08 -10.42 5.45
N HIS A 227 21.92 -11.41 5.77
CA HIS A 227 23.26 -11.41 5.21
C HIS A 227 23.22 -11.34 3.70
N TYR A 228 22.36 -12.16 3.10
CA TYR A 228 22.16 -12.15 1.65
C TYR A 228 21.72 -10.79 1.08
N ILE A 229 20.71 -10.19 1.70
CA ILE A 229 20.19 -8.90 1.25
C ILE A 229 21.32 -7.85 1.25
N LEU A 230 22.04 -7.79 2.36
CA LEU A 230 23.11 -6.82 2.47
C LEU A 230 24.21 -7.03 1.44
N THR A 231 24.65 -8.28 1.29
CA THR A 231 25.70 -8.69 0.37
CA THR A 231 25.74 -8.61 0.39
C THR A 231 25.29 -8.44 -1.07
N TRP A 232 24.06 -8.83 -1.39
CA TRP A 232 23.54 -8.63 -2.75
C TRP A 232 23.51 -7.14 -3.14
N ASN A 233 23.07 -6.30 -2.21
CA ASN A 233 23.04 -4.87 -2.45
C ASN A 233 24.45 -4.31 -2.60
N LYS A 234 25.37 -4.77 -1.76
CA LYS A 234 26.74 -4.31 -1.84
C LYS A 234 27.38 -4.58 -3.20
N TYR A 235 27.29 -5.82 -3.70
CA TYR A 235 28.02 -6.17 -4.89
C TYR A 235 27.32 -5.77 -6.16
N ASN A 236 26.01 -5.59 -6.11
CA ASN A 236 25.25 -5.31 -7.32
C ASN A 236 24.74 -3.88 -7.48
N SER A 237 24.88 -3.06 -6.44
CA SER A 237 24.53 -1.67 -6.58
C SER A 237 25.56 -0.98 -7.48
N PRO A 238 25.11 0.04 -8.23
CA PRO A 238 26.01 0.85 -9.06
C PRO A 238 27.27 1.35 -8.33
N LEU A 239 27.13 1.80 -7.08
CA LEU A 239 28.31 2.30 -6.32
C LEU A 239 29.15 1.19 -5.67
N ARG A 240 28.66 -0.04 -5.78
CA ARG A 240 29.37 -1.23 -5.26
C ARG A 240 29.73 -1.11 -3.78
N ARG A 241 28.79 -0.59 -2.99
CA ARG A 241 28.90 -0.54 -1.56
C ARG A 241 27.50 -0.48 -0.96
N ASN A 242 27.40 -0.67 0.36
CA ASN A 242 26.13 -0.53 1.03
C ASN A 242 25.86 0.93 1.38
N THR A 243 24.57 1.25 1.51
CA THR A 243 24.13 2.51 2.07
C THR A 243 24.72 2.68 3.47
N THR A 244 25.08 3.90 3.80
CA THR A 244 25.49 4.25 5.17
C THR A 244 24.52 5.21 5.90
N LEU A 245 24.71 5.34 7.21
CA LEU A 245 23.92 6.30 7.97
C LEU A 245 24.18 7.71 7.48
N ASP A 246 25.42 8.02 7.09
CA ASP A 246 25.76 9.33 6.55
C ASP A 246 24.98 9.64 5.27
N ASP A 247 24.82 8.65 4.39
CA ASP A 247 24.07 8.80 3.12
C ASP A 247 22.64 9.23 3.45
N VAL A 248 22.01 8.50 4.35
CA VAL A 248 20.63 8.77 4.70
C VAL A 248 20.50 10.10 5.42
N GLY A 249 21.48 10.43 6.22
CA GLY A 249 21.50 11.75 6.87
C GLY A 249 21.53 12.91 5.92
N GLY A 250 22.36 12.78 4.89
CA GLY A 250 22.48 13.84 3.86
C GLY A 250 21.19 14.05 3.10
N ALA A 251 20.52 12.95 2.71
CA ALA A 251 19.20 13.03 2.08
C ALA A 251 18.17 13.67 2.98
N ALA A 252 18.21 13.33 4.27
CA ALA A 252 17.32 13.96 5.21
C ALA A 252 17.60 15.46 5.32
N LEU A 253 18.86 15.83 5.36
CA LEU A 253 19.22 17.26 5.32
C LEU A 253 18.62 18.03 4.14
N TYR A 254 18.70 17.49 2.93
CA TYR A 254 18.00 18.02 1.75
C TYR A 254 16.53 18.21 2.05
N LEU A 255 15.86 17.14 2.45
CA LEU A 255 14.40 17.18 2.52
C LEU A 255 13.85 18.03 3.66
N LEU A 256 14.60 18.09 4.77
CA LEU A 256 14.17 18.79 5.97
C LEU A 256 14.62 20.26 6.03
N SER A 257 15.62 20.63 5.24
CA SER A 257 16.16 22.00 5.28
C SER A 257 15.48 22.84 4.19
N ASP A 258 15.89 24.09 4.06
CA ASP A 258 15.33 24.91 2.98
C ASP A 258 15.75 24.45 1.58
N LEU A 259 16.75 23.59 1.48
CA LEU A 259 17.19 23.06 0.18
C LEU A 259 16.03 22.33 -0.49
N GLY A 260 15.20 21.69 0.34
CA GLY A 260 14.13 20.82 -0.17
C GLY A 260 12.73 21.39 -0.30
N ARG A 261 12.62 22.71 -0.27
CA ARG A 261 11.33 23.40 -0.29
C ARG A 261 10.46 23.09 -1.51
N GLY A 262 11.06 22.71 -2.61
CA GLY A 262 10.30 22.46 -3.82
C GLY A 262 9.93 21.02 -4.11
N THR A 263 10.25 20.11 -3.19
CA THR A 263 10.00 18.69 -3.38
C THR A 263 8.98 18.21 -2.34
N THR A 264 7.89 17.61 -2.82
CA THR A 264 6.92 17.03 -1.91
C THR A 264 6.23 15.88 -2.62
N GLY A 265 5.75 14.96 -1.79
CA GLY A 265 5.08 13.74 -2.24
C GLY A 265 6.05 12.72 -2.83
N GLU A 266 7.35 12.92 -2.65
CA GLU A 266 8.37 12.12 -3.35
C GLU A 266 8.91 11.05 -2.41
N THR A 267 9.33 9.95 -3.03
CA THR A 267 10.13 8.92 -2.36
C THR A 267 11.50 8.92 -3.05
N VAL A 268 12.50 9.39 -2.34
CA VAL A 268 13.86 9.53 -2.86
C VAL A 268 14.66 8.27 -2.52
N HIS A 269 15.24 7.64 -3.53
CA HIS A 269 16.04 6.40 -3.30
C HIS A 269 17.45 6.76 -2.84
N VAL A 270 17.82 6.27 -1.69
CA VAL A 270 19.16 6.51 -1.10
C VAL A 270 19.73 5.11 -0.81
N ASP A 271 20.18 4.49 -1.88
CA ASP A 271 20.41 3.04 -1.91
C ASP A 271 21.58 2.70 -2.80
N CYS A 272 22.45 3.68 -3.05
CA CYS A 272 23.63 3.47 -3.87
C CYS A 272 23.31 3.03 -5.29
N GLY A 273 22.08 3.34 -5.72
CA GLY A 273 21.64 3.02 -7.06
C GLY A 273 20.95 1.70 -7.27
N TYR A 274 20.75 0.93 -6.19
CA TYR A 274 20.29 -0.46 -6.35
C TYR A 274 18.97 -0.52 -7.13
N HIS A 275 18.10 0.47 -6.92
CA HIS A 275 16.79 0.50 -7.55
C HIS A 275 16.84 0.42 -9.08
N VAL A 276 17.94 0.78 -9.73
CA VAL A 276 18.00 0.67 -11.18
C VAL A 276 18.38 -0.70 -11.69
N VAL A 277 18.81 -1.62 -10.81
CA VAL A 277 19.41 -2.89 -11.23
C VAL A 277 18.31 -3.88 -11.67
N GLY A 278 18.31 -4.30 -12.94
CA GLY A 278 17.34 -5.28 -13.40
C GLY A 278 17.73 -6.73 -13.28
N MET A 279 19.01 -7.00 -13.04
CA MET A 279 19.47 -8.38 -13.00
C MET A 279 20.65 -8.51 -12.02
N LYS A 280 21.83 -8.10 -12.45
CA LYS A 280 23.04 -8.16 -11.60
C LYS A 280 24.18 -7.34 -12.20
N SER A 281 25.15 -6.98 -11.37
CA SER A 281 26.35 -6.29 -11.83
C SER A 281 27.26 -7.22 -12.66
N VAL A 282 27.74 -6.72 -13.79
CA VAL A 282 28.71 -7.47 -14.60
C VAL A 282 30.03 -6.70 -14.65
N SER B 21 -28.67 -14.21 -22.06
CA SER B 21 -27.92 -15.38 -21.52
C SER B 21 -27.08 -16.09 -22.58
N MET B 22 -26.96 -15.51 -23.78
CA MET B 22 -26.33 -16.17 -24.95
C MET B 22 -24.81 -16.36 -24.86
N ARG B 23 -24.38 -17.62 -24.81
CA ARG B 23 -22.94 -17.97 -24.92
C ARG B 23 -22.42 -17.73 -26.32
N THR B 24 -21.30 -17.02 -26.45
CA THR B 24 -20.80 -16.54 -27.72
C THR B 24 -19.41 -17.03 -28.14
N GLY B 25 -18.71 -17.77 -27.28
CA GLY B 25 -17.46 -18.40 -27.68
C GLY B 25 -17.09 -19.47 -26.68
N MET B 26 -15.89 -20.03 -26.83
CA MET B 26 -15.45 -21.16 -26.04
C MET B 26 -14.10 -20.93 -25.33
N LEU B 27 -13.68 -19.69 -25.23
CA LEU B 27 -12.40 -19.37 -24.63
C LEU B 27 -12.25 -19.88 -23.17
N MET B 28 -13.34 -19.98 -22.41
CA MET B 28 -13.26 -20.44 -21.01
C MET B 28 -13.89 -21.83 -20.82
N GLU B 29 -14.09 -22.55 -21.91
CA GLU B 29 -14.68 -23.88 -21.87
C GLU B 29 -13.86 -24.78 -20.96
N GLY B 30 -14.55 -25.42 -20.01
CA GLY B 30 -13.93 -26.37 -19.09
C GLY B 30 -13.30 -25.72 -17.88
N LYS B 31 -13.37 -24.39 -17.77
CA LYS B 31 -12.77 -23.71 -16.62
C LYS B 31 -13.85 -23.39 -15.59
N LYS B 32 -13.57 -23.66 -14.33
CA LYS B 32 -14.47 -23.47 -13.22
C LYS B 32 -13.93 -22.39 -12.34
N GLY B 33 -14.77 -21.47 -11.89
CA GLY B 33 -14.25 -20.40 -11.02
C GLY B 33 -15.33 -19.70 -10.21
N VAL B 34 -14.88 -19.00 -9.18
CA VAL B 34 -15.77 -18.26 -8.28
C VAL B 34 -15.57 -16.76 -8.46
N ILE B 35 -16.67 -16.03 -8.53
CA ILE B 35 -16.66 -14.59 -8.61
C ILE B 35 -17.31 -14.02 -7.38
N ILE B 36 -16.55 -13.19 -6.68
CA ILE B 36 -16.93 -12.63 -5.40
C ILE B 36 -17.21 -11.15 -5.59
N GLY B 37 -18.44 -10.70 -5.32
CA GLY B 37 -18.77 -9.29 -5.51
C GLY B 37 -19.89 -8.90 -6.47
N VAL B 38 -20.64 -9.86 -6.98
CA VAL B 38 -21.77 -9.55 -7.86
C VAL B 38 -23.02 -9.33 -7.00
N ALA B 39 -23.42 -8.07 -6.86
CA ALA B 39 -24.65 -7.71 -6.13
C ALA B 39 -25.74 -7.04 -7.00
N ASN B 40 -25.42 -6.70 -8.25
CA ASN B 40 -26.37 -6.10 -9.19
C ASN B 40 -25.81 -6.27 -10.58
N ASP B 41 -26.48 -5.74 -11.60
CA ASP B 41 -26.01 -5.90 -12.97
C ASP B 41 -25.31 -4.66 -13.52
N LYS B 42 -24.83 -3.81 -12.62
CA LYS B 42 -24.14 -2.60 -13.02
C LYS B 42 -22.67 -2.66 -12.65
N SER B 43 -22.26 -3.70 -11.93
CA SER B 43 -20.93 -3.66 -11.31
C SER B 43 -19.84 -4.25 -12.19
N LEU B 44 -18.59 -3.96 -11.84
CA LEU B 44 -17.47 -4.59 -12.54
C LEU B 44 -17.53 -6.12 -12.42
N ALA B 45 -17.90 -6.64 -11.25
CA ALA B 45 -17.97 -8.08 -11.05
C ALA B 45 -18.99 -8.71 -11.98
N TRP B 46 -20.10 -8.01 -12.20
CA TRP B 46 -21.09 -8.48 -13.17
C TRP B 46 -20.56 -8.48 -14.57
N GLY B 47 -19.85 -7.44 -14.98
CA GLY B 47 -19.26 -7.41 -16.31
C GLY B 47 -18.32 -8.56 -16.56
N ILE B 48 -17.52 -8.92 -15.54
CA ILE B 48 -16.60 -10.06 -15.65
C ILE B 48 -17.36 -11.39 -15.71
N ALA B 49 -18.36 -11.56 -14.84
CA ALA B 49 -19.20 -12.75 -14.87
C ALA B 49 -19.84 -12.99 -16.21
N LYS B 50 -20.39 -11.94 -16.79
CA LYS B 50 -21.05 -12.03 -18.07
C LYS B 50 -20.07 -12.42 -19.15
N ALA B 51 -18.88 -11.83 -19.14
CA ALA B 51 -17.89 -12.13 -20.14
C ALA B 51 -17.42 -13.57 -20.09
N VAL B 52 -17.10 -14.08 -18.89
CA VAL B 52 -16.56 -15.43 -18.80
C VAL B 52 -17.66 -16.49 -19.02
N CYS B 53 -18.85 -16.23 -18.55
CA CYS B 53 -20.01 -17.13 -18.79
C CYS B 53 -20.35 -17.22 -20.26
N ALA B 54 -20.30 -16.09 -20.97
CA ALA B 54 -20.49 -16.10 -22.42
C ALA B 54 -19.42 -16.88 -23.20
N GLN B 55 -18.26 -17.08 -22.60
CA GLN B 55 -17.21 -17.89 -23.20
C GLN B 55 -17.11 -19.32 -22.66
N GLY B 56 -18.14 -19.76 -21.97
CA GLY B 56 -18.29 -21.16 -21.57
C GLY B 56 -17.82 -21.52 -20.19
N ALA B 57 -17.43 -20.54 -19.37
CA ALA B 57 -17.00 -20.83 -18.00
C ALA B 57 -18.13 -21.38 -17.13
N GLU B 58 -17.76 -22.24 -16.18
CA GLU B 58 -18.66 -22.70 -15.14
C GLU B 58 -18.37 -21.85 -13.91
N VAL B 59 -19.34 -21.03 -13.49
CA VAL B 59 -19.10 -20.02 -12.47
C VAL B 59 -19.95 -20.30 -11.25
N ALA B 60 -19.39 -20.02 -10.08
CA ALA B 60 -20.12 -19.89 -8.84
C ALA B 60 -20.12 -18.42 -8.45
N LEU B 61 -21.27 -17.91 -8.02
CA LEU B 61 -21.39 -16.59 -7.44
C LEU B 61 -21.59 -16.66 -5.95
N THR B 62 -20.99 -15.71 -5.24
CA THR B 62 -21.15 -15.60 -3.82
C THR B 62 -22.19 -14.53 -3.55
N TYR B 63 -22.84 -14.64 -2.39
CA TYR B 63 -23.69 -13.60 -1.79
C TYR B 63 -23.33 -13.45 -0.30
N LEU B 64 -23.60 -12.29 0.24
CA LEU B 64 -23.10 -11.94 1.57
C LEU B 64 -23.65 -12.85 2.66
N SER B 65 -24.97 -13.04 2.68
CA SER B 65 -25.63 -13.95 3.62
C SER B 65 -27.03 -14.30 3.12
N GLU B 66 -27.71 -15.22 3.81
CA GLU B 66 -29.05 -15.70 3.40
C GLU B 66 -30.06 -14.55 3.22
N THR B 67 -29.97 -13.55 4.08
CA THR B 67 -30.80 -12.35 3.99
C THR B 67 -30.68 -11.64 2.64
N PHE B 68 -29.54 -11.73 1.99
CA PHE B 68 -29.33 -11.03 0.72
C PHE B 68 -29.28 -11.98 -0.47
N LYS B 69 -29.62 -13.24 -0.24
CA LYS B 69 -29.58 -14.26 -1.31
C LYS B 69 -30.53 -13.96 -2.46
N LYS B 70 -31.76 -13.55 -2.14
CA LYS B 70 -32.81 -13.31 -3.16
C LYS B 70 -32.40 -12.24 -4.16
N ARG B 71 -31.48 -11.35 -3.79
CA ARG B 71 -30.92 -10.39 -4.74
C ARG B 71 -29.97 -11.02 -5.79
N VAL B 72 -29.20 -12.04 -5.40
CA VAL B 72 -28.28 -12.72 -6.35
C VAL B 72 -28.98 -13.74 -7.25
N ASP B 73 -30.04 -14.37 -6.75
CA ASP B 73 -30.78 -15.43 -7.48
C ASP B 73 -31.06 -15.13 -8.96
N PRO B 74 -31.71 -13.99 -9.27
CA PRO B 74 -32.01 -13.69 -10.68
C PRO B 74 -30.80 -13.33 -11.55
N LEU B 75 -29.76 -12.76 -10.95
CA LEU B 75 -28.53 -12.49 -11.66
C LEU B 75 -27.86 -13.82 -12.06
N ALA B 76 -27.82 -14.76 -11.12
CA ALA B 76 -27.32 -16.11 -11.38
C ALA B 76 -28.12 -16.79 -12.49
N GLU B 77 -29.45 -16.68 -12.41
CA GLU B 77 -30.35 -17.25 -13.44
C GLU B 77 -30.04 -16.70 -14.84
N SER B 78 -29.88 -15.39 -14.99
CA SER B 78 -29.60 -14.84 -16.31
CA SER B 78 -29.55 -14.76 -16.27
C SER B 78 -28.24 -15.29 -16.85
N LEU B 79 -27.26 -15.47 -15.97
CA LEU B 79 -25.91 -15.90 -16.34
C LEU B 79 -25.88 -17.37 -16.66
N GLY B 80 -26.85 -18.13 -16.16
CA GLY B 80 -26.81 -19.60 -16.29
C GLY B 80 -26.03 -20.27 -15.17
N VAL B 81 -25.74 -19.51 -14.11
CA VAL B 81 -25.04 -20.02 -12.93
C VAL B 81 -25.93 -20.91 -12.08
N LYS B 82 -25.40 -22.09 -11.74
CA LYS B 82 -26.14 -23.09 -10.97
C LYS B 82 -25.66 -23.22 -9.53
N LEU B 83 -24.53 -22.60 -9.18
CA LEU B 83 -23.97 -22.70 -7.82
C LEU B 83 -23.81 -21.30 -7.24
N THR B 84 -24.51 -21.04 -6.12
CA THR B 84 -24.32 -19.80 -5.38
C THR B 84 -24.02 -20.18 -3.95
N VAL B 85 -23.11 -19.44 -3.33
CA VAL B 85 -22.56 -19.83 -2.06
C VAL B 85 -22.42 -18.58 -1.20
N PRO B 86 -22.75 -18.69 0.09
CA PRO B 86 -22.54 -17.56 0.98
C PRO B 86 -21.07 -17.26 1.18
N CYS B 87 -20.73 -15.98 1.21
CA CYS B 87 -19.37 -15.52 1.55
C CYS B 87 -19.32 -14.07 2.02
N ASP B 88 -18.87 -13.89 3.26
CA ASP B 88 -18.56 -12.58 3.81
C ASP B 88 -17.05 -12.53 3.93
N VAL B 89 -16.39 -11.71 3.10
CA VAL B 89 -14.92 -11.76 3.01
C VAL B 89 -14.20 -11.23 4.26
N SER B 90 -14.92 -10.56 5.16
CA SER B 90 -14.36 -10.13 6.44
C SER B 90 -14.35 -11.25 7.49
N ASP B 91 -14.94 -12.40 7.19
CA ASP B 91 -15.14 -13.48 8.16
C ASP B 91 -14.39 -14.74 7.71
N ALA B 92 -13.37 -15.13 8.46
CA ALA B 92 -12.48 -16.22 8.02
C ALA B 92 -13.23 -17.53 7.88
N GLU B 93 -14.14 -17.79 8.81
CA GLU B 93 -14.88 -19.04 8.79
C GLU B 93 -15.81 -19.12 7.58
N SER B 94 -16.41 -17.99 7.22
CA SER B 94 -17.27 -17.89 6.04
C SER B 94 -16.46 -18.17 4.76
N VAL B 95 -15.28 -17.58 4.64
CA VAL B 95 -14.41 -17.87 3.48
C VAL B 95 -13.97 -19.36 3.42
N ASP B 96 -13.51 -19.89 4.55
CA ASP B 96 -13.14 -21.30 4.64
C ASP B 96 -14.30 -22.20 4.20
N ASN B 97 -15.52 -21.92 4.66
CA ASN B 97 -16.72 -22.72 4.28
C ASN B 97 -17.00 -22.59 2.78
N MET B 98 -16.80 -21.40 2.23
CA MET B 98 -17.06 -21.23 0.84
C MET B 98 -16.14 -22.14 0.04
N PHE B 99 -14.85 -22.21 0.40
CA PHE B 99 -13.93 -23.05 -0.38
C PHE B 99 -14.17 -24.55 -0.15
N LYS B 100 -14.69 -24.89 1.03
CA LYS B 100 -15.08 -26.28 1.34
C LYS B 100 -16.21 -26.70 0.42
N VAL B 101 -17.17 -25.82 0.19
CA VAL B 101 -18.27 -26.08 -0.72
C VAL B 101 -17.80 -26.25 -2.18
N LEU B 102 -16.98 -25.33 -2.64
CA LEU B 102 -16.42 -25.48 -3.98
C LEU B 102 -15.59 -26.76 -4.11
N ALA B 103 -14.86 -27.14 -3.06
CA ALA B 103 -14.03 -28.35 -3.06
C ALA B 103 -14.91 -29.59 -3.26
N GLU B 104 -16.02 -29.62 -2.54
CA GLU B 104 -17.00 -30.72 -2.59
C GLU B 104 -17.71 -30.81 -3.92
N GLU B 105 -18.13 -29.66 -4.44
CA GLU B 105 -18.86 -29.63 -5.73
C GLU B 105 -17.97 -29.93 -6.90
N TRP B 106 -16.76 -29.39 -6.90
CA TRP B 106 -15.92 -29.37 -8.08
C TRP B 106 -14.61 -30.12 -7.98
N GLY B 107 -14.04 -30.25 -6.79
CA GLY B 107 -12.74 -30.90 -6.63
C GLY B 107 -11.56 -29.98 -6.91
N SER B 108 -11.66 -29.17 -7.97
CA SER B 108 -10.58 -28.25 -8.30
C SER B 108 -11.17 -26.94 -8.80
N LEU B 109 -10.32 -25.94 -8.94
CA LEU B 109 -10.77 -24.61 -9.29
C LEU B 109 -9.76 -24.05 -10.28
N ASP B 110 -10.26 -23.32 -11.27
CA ASP B 110 -9.39 -22.70 -12.28
C ASP B 110 -9.18 -21.19 -12.13
N PHE B 111 -10.15 -20.49 -11.56
CA PHE B 111 -10.02 -19.04 -11.37
C PHE B 111 -10.80 -18.53 -10.17
N VAL B 112 -10.34 -17.40 -9.65
CA VAL B 112 -11.02 -16.65 -8.60
C VAL B 112 -11.04 -15.19 -9.02
N VAL B 113 -12.19 -14.54 -8.92
CA VAL B 113 -12.29 -13.09 -9.09
C VAL B 113 -12.73 -12.45 -7.78
N HIS B 114 -11.96 -11.47 -7.33
CA HIS B 114 -12.17 -10.74 -6.07
C HIS B 114 -12.51 -9.33 -6.45
N ALA B 115 -13.78 -8.98 -6.31
CA ALA B 115 -14.25 -7.66 -6.65
C ALA B 115 -15.01 -7.10 -5.45
N VAL B 116 -14.29 -6.83 -4.38
CA VAL B 116 -14.93 -6.32 -3.15
C VAL B 116 -14.03 -5.23 -2.56
N ALA B 117 -14.64 -4.18 -2.08
CA ALA B 117 -13.91 -3.06 -1.46
C ALA B 117 -14.85 -2.45 -0.44
N PHE B 118 -14.29 -1.78 0.55
CA PHE B 118 -15.13 -1.10 1.54
C PHE B 118 -14.31 0.01 2.13
N SER B 119 -14.95 1.19 2.31
CA SER B 119 -14.37 2.27 3.09
C SER B 119 -15.50 3.19 3.55
N ASP B 120 -15.27 3.92 4.65
CA ASP B 120 -16.31 4.75 5.20
C ASP B 120 -16.67 5.85 4.22
N LYS B 121 -17.95 5.94 3.84
CA LYS B 121 -18.41 6.97 2.89
C LYS B 121 -18.18 8.41 3.33
N ASN B 122 -18.37 8.74 4.62
CA ASN B 122 -18.22 10.10 5.10
CA ASN B 122 -18.21 10.10 5.12
C ASN B 122 -16.75 10.54 5.14
N GLU B 123 -15.84 9.62 5.47
CA GLU B 123 -14.43 9.97 5.48
C GLU B 123 -13.91 10.22 4.07
N LEU B 124 -14.49 9.57 3.08
CA LEU B 124 -14.10 9.82 1.70
C LEU B 124 -14.39 11.25 1.30
N LYS B 125 -15.45 11.81 1.84
CA LYS B 125 -15.83 13.18 1.55
C LYS B 125 -14.93 14.20 2.21
N GLY B 126 -14.14 13.78 3.20
CA GLY B 126 -13.26 14.68 3.96
C GLY B 126 -11.84 14.64 3.44
N ARG B 127 -10.91 14.99 4.29
CA ARG B 127 -9.49 14.95 3.89
C ARG B 127 -8.87 13.63 4.35
N TYR B 128 -7.89 13.17 3.57
CA TYR B 128 -7.16 11.97 3.92
C TYR B 128 -6.48 12.09 5.28
N VAL B 129 -5.92 13.24 5.59
CA VAL B 129 -5.17 13.41 6.83
C VAL B 129 -6.06 13.23 8.07
N ASP B 130 -7.37 13.33 7.88
CA ASP B 130 -8.32 13.12 8.99
C ASP B 130 -8.84 11.69 9.15
N THR B 131 -8.30 10.74 8.39
CA THR B 131 -8.70 9.33 8.46
C THR B 131 -8.55 8.78 9.87
N SER B 132 -9.58 8.08 10.31
CA SER B 132 -9.55 7.45 11.63
C SER B 132 -8.93 6.07 11.59
N LEU B 133 -8.41 5.61 12.71
CA LEU B 133 -7.81 4.27 12.77
C LEU B 133 -8.79 3.16 12.40
N GLY B 134 -10.02 3.21 12.93
CA GLY B 134 -11.01 2.21 12.66
C GLY B 134 -11.34 2.06 11.20
N ASN B 135 -11.54 3.18 10.54
CA ASN B 135 -11.82 3.16 9.12
C ASN B 135 -10.62 2.67 8.32
N PHE B 136 -9.44 3.16 8.66
CA PHE B 136 -8.20 2.64 8.03
C PHE B 136 -8.11 1.12 8.11
N LEU B 137 -8.27 0.55 9.31
CA LEU B 137 -8.10 -0.90 9.49
C LEU B 137 -9.22 -1.71 8.85
N THR B 138 -10.45 -1.24 8.95
CA THR B 138 -11.60 -1.89 8.31
C THR B 138 -11.44 -1.90 6.80
N SER B 139 -11.05 -0.76 6.25
CA SER B 139 -10.91 -0.63 4.81
C SER B 139 -9.78 -1.54 4.34
N MET B 140 -8.67 -1.54 5.07
CA MET B 140 -7.54 -2.40 4.72
C MET B 140 -7.86 -3.88 4.81
N HIS B 141 -8.59 -4.28 5.85
CA HIS B 141 -9.02 -5.66 6.02
C HIS B 141 -9.86 -6.12 4.82
N ILE B 142 -10.91 -5.39 4.50
CA ILE B 142 -11.83 -5.82 3.46
C ILE B 142 -11.22 -5.62 2.07
N SER B 143 -10.59 -4.45 1.86
CA SER B 143 -10.17 -4.08 0.50
C SER B 143 -8.85 -4.72 0.08
N CYS B 144 -7.98 -5.07 1.05
CA CYS B 144 -6.63 -5.57 0.77
C CYS B 144 -6.39 -6.95 1.38
N TYR B 145 -6.47 -7.12 2.69
CA TYR B 145 -6.15 -8.40 3.32
C TYR B 145 -7.05 -9.55 2.82
N SER B 146 -8.33 -9.30 2.62
CA SER B 146 -9.21 -10.38 2.17
C SER B 146 -8.72 -11.09 0.92
N PHE B 147 -8.08 -10.37 0.01
CA PHE B 147 -7.55 -10.98 -1.21
C PHE B 147 -6.46 -11.99 -0.87
N THR B 148 -5.58 -11.63 0.04
CA THR B 148 -4.49 -12.50 0.43
C THR B 148 -5.04 -13.77 1.10
N TYR B 149 -5.99 -13.58 2.02
CA TYR B 149 -6.58 -14.72 2.70
C TYR B 149 -7.32 -15.65 1.75
N ILE B 150 -8.10 -15.05 0.84
CA ILE B 150 -8.79 -15.81 -0.19
C ILE B 150 -7.82 -16.58 -1.09
N ALA B 151 -6.73 -15.92 -1.49
CA ALA B 151 -5.70 -16.61 -2.26
C ALA B 151 -5.12 -17.81 -1.51
N SER B 152 -4.89 -17.68 -0.19
CA SER B 152 -4.35 -18.76 0.61
C SER B 152 -5.27 -19.97 0.64
N LYS B 153 -6.57 -19.72 0.66
CA LYS B 153 -7.54 -20.81 0.67
C LYS B 153 -7.82 -21.42 -0.72
N ALA B 154 -7.64 -20.63 -1.78
CA ALA B 154 -7.81 -21.12 -3.14
C ALA B 154 -6.63 -22.02 -3.55
N GLU B 155 -5.43 -21.72 -3.05
CA GLU B 155 -4.20 -22.39 -3.49
C GLU B 155 -4.29 -23.94 -3.54
N PRO B 156 -4.76 -24.59 -2.46
CA PRO B 156 -4.79 -26.07 -2.50
C PRO B 156 -5.78 -26.66 -3.47
N LEU B 157 -6.73 -25.85 -3.93
CA LEU B 157 -7.70 -26.25 -4.93
C LEU B 157 -7.21 -26.04 -6.35
N MET B 158 -6.12 -25.30 -6.53
CA MET B 158 -5.67 -24.91 -7.83
C MET B 158 -4.40 -25.67 -8.15
N THR B 159 -4.57 -26.98 -8.21
CA THR B 159 -3.44 -27.88 -8.32
C THR B 159 -2.82 -27.83 -9.70
N ASN B 160 -3.70 -27.79 -10.72
CA ASN B 160 -3.35 -27.66 -12.13
C ASN B 160 -3.14 -26.21 -12.60
N GLY B 161 -2.67 -25.31 -11.74
CA GLY B 161 -2.51 -23.90 -12.16
C GLY B 161 -3.83 -23.15 -12.21
N GLY B 162 -3.79 -21.92 -12.71
CA GLY B 162 -5.02 -21.12 -12.85
C GLY B 162 -4.68 -19.66 -12.65
N SER B 163 -5.70 -18.87 -12.33
CA SER B 163 -5.62 -17.43 -12.41
C SER B 163 -6.49 -16.80 -11.32
N ILE B 164 -5.90 -15.90 -10.53
CA ILE B 164 -6.59 -15.15 -9.50
C ILE B 164 -6.49 -13.66 -9.84
N LEU B 165 -7.62 -12.97 -9.79
CA LEU B 165 -7.74 -11.60 -10.29
C LEU B 165 -8.43 -10.70 -9.28
N THR B 166 -7.93 -9.49 -9.09
CA THR B 166 -8.55 -8.46 -8.28
C THR B 166 -8.67 -7.16 -9.09
N LEU B 167 -9.30 -6.16 -8.51
CA LEU B 167 -9.59 -4.90 -9.18
C LEU B 167 -8.94 -3.76 -8.44
N SER B 168 -8.39 -2.82 -9.19
CA SER B 168 -7.80 -1.61 -8.62
C SER B 168 -8.24 -0.38 -9.40
N TYR B 169 -7.59 0.73 -9.13
CA TYR B 169 -7.96 2.03 -9.65
C TYR B 169 -6.76 2.95 -9.59
N TYR B 170 -6.72 3.90 -10.54
CA TYR B 170 -5.61 4.83 -10.66
C TYR B 170 -5.26 5.60 -9.40
N GLY B 171 -6.22 5.76 -8.50
CA GLY B 171 -6.00 6.42 -7.21
C GLY B 171 -5.00 5.69 -6.31
N ALA B 172 -4.62 4.45 -6.67
CA ALA B 172 -3.52 3.72 -6.03
C ALA B 172 -2.15 4.33 -6.41
N GLU B 173 -2.09 4.97 -7.58
CA GLU B 173 -0.84 5.44 -8.16
C GLU B 173 -0.66 6.96 -8.03
N LYS B 174 -1.75 7.70 -8.18
CA LYS B 174 -1.74 9.15 -8.12
C LYS B 174 -2.92 9.58 -7.26
N VAL B 175 -2.84 10.79 -6.72
CA VAL B 175 -3.92 11.32 -5.89
C VAL B 175 -5.16 11.64 -6.73
N VAL B 176 -6.27 10.97 -6.43
CA VAL B 176 -7.56 11.30 -7.04
C VAL B 176 -8.45 11.85 -5.93
N PRO B 177 -9.07 13.02 -6.17
CA PRO B 177 -9.78 13.63 -5.04
C PRO B 177 -10.94 12.77 -4.47
N HIS B 178 -10.98 12.78 -3.16
CA HIS B 178 -11.89 12.01 -2.34
C HIS B 178 -11.82 10.49 -2.52
N TYR B 179 -10.70 10.00 -3.00
CA TYR B 179 -10.50 8.56 -2.99
C TYR B 179 -9.80 8.19 -1.65
N ASN B 180 -9.09 9.18 -1.08
CA ASN B 180 -8.48 9.08 0.26
C ASN B 180 -7.97 7.70 0.65
N VAL B 181 -8.56 7.10 1.70
CA VAL B 181 -7.96 5.90 2.24
C VAL B 181 -8.09 4.72 1.27
N MET B 182 -9.04 4.77 0.34
CA MET B 182 -9.12 3.71 -0.66
CA MET B 182 -9.14 3.72 -0.67
C MET B 182 -7.91 3.72 -1.59
N GLY B 183 -7.31 4.89 -1.80
CA GLY B 183 -6.09 4.96 -2.64
C GLY B 183 -4.96 4.22 -1.96
N VAL B 184 -4.85 4.43 -0.63
CA VAL B 184 -3.84 3.76 0.16
C VAL B 184 -4.05 2.27 0.21
N CYS B 185 -5.32 1.87 0.35
CA CYS B 185 -5.69 0.45 0.35
C CYS B 185 -5.38 -0.24 -0.99
N LYS B 186 -5.66 0.45 -2.09
CA LYS B 186 -5.42 -0.09 -3.40
C LYS B 186 -3.94 -0.14 -3.74
N ALA B 187 -3.14 0.80 -3.26
CA ALA B 187 -1.69 0.71 -3.35
C ALA B 187 -1.18 -0.53 -2.64
N ALA B 188 -1.70 -0.80 -1.43
CA ALA B 188 -1.36 -2.02 -0.71
C ALA B 188 -1.77 -3.27 -1.49
N LEU B 189 -2.97 -3.25 -2.06
CA LEU B 189 -3.45 -4.40 -2.86
C LEU B 189 -2.54 -4.67 -4.07
N GLU B 190 -2.14 -3.61 -4.78
CA GLU B 190 -1.28 -3.76 -5.95
C GLU B 190 0.09 -4.35 -5.58
N ALA B 191 0.62 -3.98 -4.41
CA ALA B 191 1.83 -4.57 -3.90
C ALA B 191 1.60 -6.02 -3.51
N SER B 192 0.50 -6.30 -2.85
CA SER B 192 0.17 -7.68 -2.49
C SER B 192 0.09 -8.60 -3.72
N VAL B 193 -0.41 -8.08 -4.83
CA VAL B 193 -0.48 -8.85 -6.09
C VAL B 193 0.92 -9.36 -6.46
N LYS B 194 1.94 -8.53 -6.26
CA LYS B 194 3.29 -8.90 -6.65
C LYS B 194 3.85 -9.98 -5.73
N TYR B 195 3.66 -9.82 -4.43
CA TYR B 195 4.14 -10.81 -3.45
C TYR B 195 3.42 -12.15 -3.60
N LEU B 196 2.10 -12.08 -3.82
CA LEU B 196 1.33 -13.28 -4.11
C LEU B 196 1.76 -13.99 -5.37
N ALA B 197 2.08 -13.23 -6.42
CA ALA B 197 2.54 -13.82 -7.66
C ALA B 197 3.77 -14.70 -7.44
N VAL B 198 4.71 -14.23 -6.64
CA VAL B 198 5.90 -15.02 -6.32
C VAL B 198 5.53 -16.31 -5.55
N ASP B 199 4.69 -16.19 -4.52
CA ASP B 199 4.33 -17.37 -3.73
C ASP B 199 3.56 -18.39 -4.54
N LEU B 200 2.57 -17.93 -5.30
CA LEU B 200 1.66 -18.85 -6.01
C LEU B 200 2.18 -19.30 -7.41
N GLY B 201 3.17 -18.60 -7.95
CA GLY B 201 3.71 -18.93 -9.25
C GLY B 201 4.38 -20.31 -9.27
N LYS B 202 4.86 -20.77 -8.12
CA LYS B 202 5.39 -22.14 -8.04
C LYS B 202 4.39 -23.24 -8.48
N GLN B 203 3.09 -22.98 -8.32
CA GLN B 203 2.01 -23.87 -8.74
CA GLN B 203 2.04 -23.91 -8.75
C GLN B 203 1.38 -23.44 -10.07
N GLN B 204 2.05 -22.51 -10.79
CA GLN B 204 1.56 -22.00 -12.05
C GLN B 204 0.22 -21.27 -11.89
N ILE B 205 0.01 -20.65 -10.73
CA ILE B 205 -1.14 -19.80 -10.52
C ILE B 205 -0.69 -18.33 -10.75
N ARG B 206 -1.33 -17.67 -11.70
CA ARG B 206 -1.11 -16.24 -11.93
C ARG B 206 -1.97 -15.39 -11.01
N VAL B 207 -1.46 -14.23 -10.63
CA VAL B 207 -2.12 -13.28 -9.76
C VAL B 207 -1.95 -11.91 -10.39
N ASN B 208 -3.07 -11.24 -10.71
CA ASN B 208 -3.07 -9.98 -11.41
C ASN B 208 -4.21 -9.08 -10.95
N ALA B 209 -4.13 -7.80 -11.33
CA ALA B 209 -5.19 -6.83 -11.08
C ALA B 209 -5.54 -6.12 -12.37
N ILE B 210 -6.79 -5.69 -12.45
CA ILE B 210 -7.22 -4.75 -13.48
C ILE B 210 -7.47 -3.44 -12.83
N SER B 211 -6.79 -2.40 -13.31
CA SER B 211 -7.02 -1.04 -12.82
C SER B 211 -8.02 -0.40 -13.79
N ALA B 212 -9.25 -0.32 -13.34
CA ALA B 212 -10.37 0.04 -14.22
C ALA B 212 -10.68 1.55 -14.10
N GLY B 213 -11.02 2.16 -15.21
CA GLY B 213 -11.57 3.49 -15.19
C GLY B 213 -12.96 3.45 -14.59
N PRO B 214 -13.45 4.63 -14.17
CA PRO B 214 -14.84 4.70 -13.69
C PRO B 214 -15.86 4.34 -14.78
N VAL B 215 -16.96 3.67 -14.39
CA VAL B 215 -17.97 3.19 -15.34
C VAL B 215 -19.32 3.86 -15.01
N ARG B 216 -20.08 4.19 -16.04
CA ARG B 216 -21.29 5.03 -15.92
C ARG B 216 -22.50 4.14 -15.78
N SER B 224 -22.91 12.92 -7.00
CA SER B 224 -22.34 14.13 -7.60
C SER B 224 -20.85 13.98 -7.81
N ASP B 225 -20.14 13.56 -6.76
CA ASP B 225 -18.69 13.33 -6.83
C ASP B 225 -18.38 12.34 -7.96
N PHE B 226 -19.17 11.28 -8.06
CA PHE B 226 -18.95 10.29 -9.09
C PHE B 226 -19.19 10.84 -10.49
N HIS B 227 -20.24 11.65 -10.63
CA HIS B 227 -20.50 12.28 -11.92
C HIS B 227 -19.29 13.11 -12.38
N TYR B 228 -18.69 13.86 -11.46
CA TYR B 228 -17.54 14.69 -11.80
C TYR B 228 -16.34 13.84 -12.28
N ILE B 229 -16.03 12.77 -11.56
CA ILE B 229 -14.89 11.91 -11.90
C ILE B 229 -15.13 11.23 -13.25
N LEU B 230 -16.38 10.79 -13.45
CA LEU B 230 -16.75 10.14 -14.72
C LEU B 230 -16.59 11.13 -15.89
N THR B 231 -17.12 12.35 -15.74
CA THR B 231 -17.01 13.37 -16.79
C THR B 231 -15.55 13.72 -17.08
N TRP B 232 -14.76 13.87 -16.02
CA TRP B 232 -13.33 14.22 -16.17
C TRP B 232 -12.61 13.14 -16.98
N ASN B 233 -12.91 11.89 -16.66
CA ASN B 233 -12.34 10.77 -17.44
C ASN B 233 -12.80 10.77 -18.90
N LYS B 234 -14.06 11.09 -19.16
CA LYS B 234 -14.56 11.17 -20.52
C LYS B 234 -13.84 12.25 -21.31
N TYR B 235 -13.60 13.41 -20.72
CA TYR B 235 -13.07 14.54 -21.43
C TYR B 235 -11.58 14.39 -21.68
N ASN B 236 -10.89 13.73 -20.77
CA ASN B 236 -9.43 13.70 -20.76
C ASN B 236 -8.80 12.37 -21.17
N SER B 237 -9.57 11.30 -21.27
CA SER B 237 -8.97 10.03 -21.69
CA SER B 237 -8.99 10.03 -21.68
C SER B 237 -8.64 10.04 -23.18
N PRO B 238 -7.56 9.36 -23.57
CA PRO B 238 -7.21 9.27 -25.00
C PRO B 238 -8.34 8.80 -25.93
N LEU B 239 -9.16 7.84 -25.49
CA LEU B 239 -10.23 7.33 -26.36
C LEU B 239 -11.48 8.24 -26.28
N ARG B 240 -11.45 9.22 -25.38
CA ARG B 240 -12.53 10.24 -25.25
C ARG B 240 -13.90 9.58 -24.97
N ARG B 241 -13.88 8.54 -24.14
CA ARG B 241 -15.06 7.87 -23.67
C ARG B 241 -14.77 7.29 -22.30
N ASN B 242 -15.82 6.85 -21.62
CA ASN B 242 -15.64 6.14 -20.36
C ASN B 242 -15.49 4.64 -20.60
N THR B 243 -14.80 4.04 -19.67
CA THR B 243 -14.68 2.57 -19.54
C THR B 243 -16.07 1.95 -19.45
N THR B 244 -16.24 0.79 -20.07
CA THR B 244 -17.49 0.05 -19.98
C THR B 244 -17.29 -1.28 -19.29
N LEU B 245 -18.41 -1.92 -18.91
CA LEU B 245 -18.33 -3.27 -18.38
C LEU B 245 -17.74 -4.24 -19.39
N ASP B 246 -18.02 -4.04 -20.67
CA ASP B 246 -17.51 -4.92 -21.72
CA ASP B 246 -17.50 -4.92 -21.71
C ASP B 246 -15.98 -4.83 -21.80
N ASP B 247 -15.45 -3.62 -21.63
CA ASP B 247 -13.99 -3.40 -21.64
C ASP B 247 -13.33 -4.25 -20.53
N VAL B 248 -13.86 -4.13 -19.31
CA VAL B 248 -13.31 -4.84 -18.15
C VAL B 248 -13.45 -6.37 -18.31
N GLY B 249 -14.57 -6.78 -18.86
CA GLY B 249 -14.81 -8.22 -19.13
C GLY B 249 -13.81 -8.79 -20.09
N GLY B 250 -13.48 -8.03 -21.13
CA GLY B 250 -12.47 -8.41 -22.12
C GLY B 250 -11.09 -8.62 -21.53
N ALA B 251 -10.68 -7.69 -20.66
CA ALA B 251 -9.42 -7.83 -19.97
C ALA B 251 -9.40 -8.99 -19.01
N ALA B 252 -10.54 -9.25 -18.37
CA ALA B 252 -10.63 -10.37 -17.46
C ALA B 252 -10.53 -11.68 -18.24
N LEU B 253 -11.15 -11.70 -19.41
CA LEU B 253 -10.97 -12.87 -20.29
C LEU B 253 -9.52 -13.15 -20.69
N TYR B 254 -8.73 -12.13 -21.05
CA TYR B 254 -7.28 -12.27 -21.24
C TYR B 254 -6.68 -12.93 -20.02
N LEU B 255 -6.85 -12.30 -18.86
CA LEU B 255 -6.11 -12.71 -17.69
C LEU B 255 -6.53 -14.08 -17.13
N LEU B 256 -7.81 -14.44 -17.27
CA LEU B 256 -8.36 -15.67 -16.68
C LEU B 256 -8.33 -16.85 -17.62
N SER B 257 -8.21 -16.62 -18.93
CA SER B 257 -8.15 -17.70 -19.91
C SER B 257 -6.70 -18.14 -20.17
N ASP B 258 -6.53 -19.08 -21.08
CA ASP B 258 -5.18 -19.47 -21.47
C ASP B 258 -4.39 -18.36 -22.21
N LEU B 259 -5.08 -17.34 -22.71
CA LEU B 259 -4.41 -16.23 -23.39
C LEU B 259 -3.41 -15.58 -22.43
N GLY B 260 -3.75 -15.56 -21.15
CA GLY B 260 -2.93 -14.83 -20.17
C GLY B 260 -1.93 -15.61 -19.36
N ARG B 261 -1.62 -16.82 -19.81
CA ARG B 261 -0.70 -17.73 -19.10
CA ARG B 261 -0.70 -17.75 -19.11
C ARG B 261 0.68 -17.18 -18.77
N GLY B 262 1.16 -16.22 -19.56
CA GLY B 262 2.47 -15.65 -19.37
C GLY B 262 2.57 -14.33 -18.61
N THR B 263 1.45 -13.84 -18.09
CA THR B 263 1.38 -12.55 -17.35
C THR B 263 1.01 -12.85 -15.92
N THR B 264 1.84 -12.37 -14.98
CA THR B 264 1.50 -12.48 -13.56
C THR B 264 2.19 -11.33 -12.82
N GLY B 265 1.59 -10.93 -11.70
CA GLY B 265 2.07 -9.82 -10.90
C GLY B 265 1.75 -8.48 -11.50
N GLU B 266 0.92 -8.46 -12.53
CA GLU B 266 0.68 -7.24 -13.31
C GLU B 266 -0.61 -6.54 -12.88
N THR B 267 -0.60 -5.21 -12.99
CA THR B 267 -1.81 -4.40 -12.92
C THR B 267 -2.06 -3.82 -14.31
N VAL B 268 -3.13 -4.26 -14.98
CA VAL B 268 -3.40 -3.86 -16.37
C VAL B 268 -4.39 -2.72 -16.32
N HIS B 269 -4.08 -1.60 -16.98
CA HIS B 269 -4.98 -0.48 -17.01
C HIS B 269 -6.04 -0.66 -18.08
N VAL B 270 -7.29 -0.59 -17.66
CA VAL B 270 -8.45 -0.70 -18.54
C VAL B 270 -9.28 0.54 -18.26
N ASP B 271 -8.81 1.65 -18.81
CA ASP B 271 -9.26 2.97 -18.43
C ASP B 271 -9.31 3.95 -19.61
N CYS B 272 -9.38 3.41 -20.83
CA CYS B 272 -9.40 4.21 -22.06
C CYS B 272 -8.18 5.11 -22.18
N GLY B 273 -7.10 4.71 -21.52
CA GLY B 273 -5.82 5.44 -21.63
C GLY B 273 -5.58 6.52 -20.62
N TYR B 274 -6.51 6.70 -19.68
CA TYR B 274 -6.40 7.81 -18.73
C TYR B 274 -5.07 7.84 -17.99
N HIS B 275 -4.57 6.66 -17.62
CA HIS B 275 -3.32 6.56 -16.89
C HIS B 275 -2.13 7.27 -17.56
N VAL B 276 -2.16 7.51 -18.86
CA VAL B 276 -1.01 8.16 -19.51
C VAL B 276 -1.01 9.68 -19.42
N VAL B 277 -2.13 10.25 -19.03
CA VAL B 277 -2.33 11.70 -19.05
C VAL B 277 -1.67 12.36 -17.86
N GLY B 278 -0.81 13.34 -18.11
CA GLY B 278 -0.16 14.06 -17.05
C GLY B 278 -0.77 15.41 -16.72
N MET B 279 -1.77 15.84 -17.49
CA MET B 279 -2.37 17.18 -17.32
C MET B 279 -3.70 17.16 -18.02
N LYS B 280 -4.70 17.86 -17.48
CA LYS B 280 -5.94 18.10 -18.23
C LYS B 280 -5.61 18.50 -19.67
N SER B 281 -6.29 17.90 -20.64
CA SER B 281 -6.14 18.24 -22.05
CA SER B 281 -6.03 18.27 -22.02
C SER B 281 -6.31 19.76 -22.20
N VAL B 282 -5.48 20.39 -23.03
CA VAL B 282 -5.47 21.87 -23.09
C VAL B 282 -6.81 22.38 -23.59
N ASP B 283 -7.47 21.58 -24.42
CA ASP B 283 -8.76 21.95 -24.97
C ASP B 283 -9.96 21.16 -24.35
N ALA B 284 -9.78 20.57 -23.17
CA ALA B 284 -10.89 20.07 -22.39
C ALA B 284 -11.30 21.20 -21.45
N PRO B 285 -12.59 21.33 -21.20
CA PRO B 285 -13.00 22.36 -20.22
C PRO B 285 -12.67 21.93 -18.81
N ASP B 286 -12.28 22.89 -17.97
CA ASP B 286 -12.20 22.63 -16.55
C ASP B 286 -13.68 22.45 -16.12
N ILE B 287 -13.93 21.66 -15.09
CA ILE B 287 -15.28 21.53 -14.53
C ILE B 287 -15.22 21.58 -13.00
#